data_8X9Q
#
_entry.id   8X9Q
#
_cell.length_a   1.00
_cell.length_b   1.00
_cell.length_c   1.00
_cell.angle_alpha   90.00
_cell.angle_beta   90.00
_cell.angle_gamma   90.00
#
_symmetry.space_group_name_H-M   'P 1'
#
loop_
_entity.id
_entity.type
_entity.pdbx_description
1 polymer 'RNA (809-MER)'
2 non-polymer 'MAGNESIUM ION'
3 non-polymer 'POTASSIUM ION'
4 water water
#
_entity_poly.entity_id   1
_entity_poly.type   'polyribonucleotide'
_entity_poly.pdbx_seq_one_letter_code
;GCCGGGGCGCCACCCCGGAAGUGAUGCGAGUCGCCAACUCGCAUCACAAGCAAACGCUGUAGCCGCGUGCCUCUAAUAGG
GCUGGCGCGGUUGCGAAGGGCGCUGGUGAGUGCAACUCUCACCUUCGACCCAAUCCAUCUUGCGGCUCAACCCCGCAAGA
UCAUCGCCAGACCGCUGGCGGCGUACUGAGUGACAAACGAGGCAAAACCAAAUUGAAGUUGGGCGACCGUGAAACGGCGC
UGGGCAGGAAAUGGCCCAGUGACCUGGUCAAUGGUGAAAGUCGGUGAAAGACCGACCGGUGGGGCGUAUCGAAAGAGCGC
AACACCUGCCGCACAGGAUGGCUUCUGAGGUACCGGUGACGGUACAGAACGCGGAGGGGAAACCUGGAAGCGAGGGCACC
UCGGGAAACCGGGGGUCGAUGCAUAGCUCAAACCUGUAACGGCACCAGUGGAGGGUGCUGUGCGGAGCAACGUGGAGCCA
CAGGCAUGAAGCCGUGGUUCGUAGUCGAUGAGACAAGCGGUGAGUAAGGGAAGGGCUGCGAACAUCGCCUCCCCGAAAUC
CAAGGAAAGCCGAAAGGCUAGCCGCUUUGUUGAGACAGUGGCGCCACGUUGCGCAUUAGCCGUGACCUAAACGGGGAACC
UCUUGGCCGUACCGACUCGGGUGGCACCGGUCGGGCUCGAUGGCUCAAGAGGGGGAGAUGUGAUGAUUAGGGUUUGACCC
GUGAUGCGAUACGACCGAAGCAUCCGGGGAGCUGUCUGACGAAGAGUCGGCAGCAGUGGGUUUGGCGACCCGCUCCGAAA
GUCGCAAGC
;
_entity_poly.pdbx_strand_id   A
#
loop_
_chem_comp.id
_chem_comp.type
_chem_comp.name
_chem_comp.formula
A RNA linking ADENOSINE-5'-MONOPHOSPHATE 'C10 H14 N5 O7 P'
C RNA linking CYTIDINE-5'-MONOPHOSPHATE 'C9 H14 N3 O8 P'
G RNA linking GUANOSINE-5'-MONOPHOSPHATE 'C10 H14 N5 O8 P'
K non-polymer 'POTASSIUM ION' 'K 1'
MG non-polymer 'MAGNESIUM ION' 'Mg 2'
U RNA linking URIDINE-5'-MONOPHOSPHATE 'C9 H13 N2 O9 P'
#
# COMPACT_ATOMS: atom_id res chain seq x y z
MG MG B . 2.15 7.55 -11.59
MG MG C . -42.25 21.57 3.95
MG MG D . -44.78 16.06 4.91
MG MG E . 7.20 -12.65 13.45
MG MG F . -5.81 -34.16 -22.01
MG MG G . -0.78 -2.74 -19.55
MG MG H . 13.23 -10.76 -12.78
MG MG I . 21.21 18.46 10.02
MG MG J . 1.27 -2.90 -25.25
MG MG K . 4.75 -5.48 -2.01
MG MG L . 15.99 -7.76 -5.01
MG MG M . 2.58 4.08 9.46
MG MG N . 11.48 -5.35 3.89
K K O . -42.81 17.51 19.36
K K P . -29.59 9.47 4.97
K K Q . 38.00 -1.20 -15.45
K K R . -22.74 28.47 17.64
K K S . 15.31 12.36 6.48
K K T . 19.89 -3.38 4.36
K K U . 21.46 -7.66 14.51
K K V . -17.11 -3.93 15.28
K K W . -11.78 -25.51 -29.98
K K X . -8.65 20.58 1.72
K K Y . -9.51 16.97 3.11
K K Z . 10.14 10.99 3.81
K K AA . -24.62 -9.27 33.53
K K BA . 26.10 -16.99 -26.02
K K CA . 13.41 -13.65 10.95
K K DA . 36.26 -20.65 -11.77
#